data_5MGZ
#
_entry.id   5MGZ
#
_cell.length_a   43.724
_cell.length_b   66.970
_cell.length_c   80.563
_cell.angle_alpha   90.00
_cell.angle_beta   92.99
_cell.angle_gamma   90.00
#
_symmetry.space_group_name_H-M   'P 1 21 1'
#
loop_
_entity.id
_entity.type
_entity.pdbx_description
1 polymer '8-demethylnovobiocic acid C(8)-methyltransferase'
2 non-polymer S-ADENOSYL-L-HOMOCYSTEINE
3 non-polymer GLYCEROL
4 non-polymer 'ACETATE ION'
5 water water
#
_entity_poly.entity_id   1
_entity_poly.type   'polypeptide(L)'
_entity_poly.pdbx_seq_one_letter_code
;MKIEAITGSEAEAFHRMGSQASHRYDEFVDLLVGAGIADGQTVVDLCCGSGELEVILSSRFPSLNLVGVDLSEDMVRIAR
EYAAEQGKALEFRHGDAQLLAGMEDLAGKADLVVSRNAFHRLTRLPAAFDTMLRLAKPGGAVLNCSFIHPSDFDESGFRA
WVTFLNQRPWDSEMQIVWALAHHYAPRLDDYREALAQAARETPVSEQRVWIDDQGYGVPTVKCFARRAAAHHHHHH
;
_entity_poly.pdbx_strand_id   A,B
#
loop_
_chem_comp.id
_chem_comp.type
_chem_comp.name
_chem_comp.formula
ACT non-polymer 'ACETATE ION' 'C2 H3 O2 -1'
GOL non-polymer GLYCEROL 'C3 H8 O3'
SAH non-polymer S-ADENOSYL-L-HOMOCYSTEINE 'C14 H20 N6 O5 S'
#
# COMPACT_ATOMS: atom_id res chain seq x y z
N MET A 1 -6.21 -15.21 -3.06
CA MET A 1 -7.35 -14.93 -3.99
C MET A 1 -8.32 -13.94 -3.36
N LYS A 2 -8.96 -13.11 -4.20
CA LYS A 2 -9.98 -12.18 -3.74
C LYS A 2 -11.30 -12.92 -3.58
N ILE A 3 -11.66 -13.21 -2.33
CA ILE A 3 -12.89 -13.94 -2.00
C ILE A 3 -13.74 -13.09 -1.08
N GLU A 4 -15.04 -13.01 -1.38
CA GLU A 4 -15.95 -12.13 -0.65
C GLU A 4 -16.14 -12.55 0.81
N ALA A 5 -16.70 -13.75 1.01
CA ALA A 5 -17.03 -14.24 2.34
C ALA A 5 -15.79 -14.55 3.17
N ILE A 6 -15.88 -14.30 4.47
CA ILE A 6 -14.86 -14.72 5.43
C ILE A 6 -15.42 -15.95 6.15
N THR A 7 -14.70 -17.06 6.05
CA THR A 7 -15.20 -18.36 6.53
C THR A 7 -14.15 -19.11 7.35
N GLY A 8 -14.59 -20.19 7.97
CA GLY A 8 -13.72 -21.12 8.68
C GLY A 8 -12.94 -20.51 9.83
N SER A 9 -11.66 -20.87 9.91
CA SER A 9 -10.78 -20.39 10.98
C SER A 9 -10.57 -18.88 10.96
N GLU A 10 -10.62 -18.28 9.77
CA GLU A 10 -10.51 -16.82 9.64
C GLU A 10 -11.69 -16.10 10.28
N ALA A 11 -12.89 -16.64 10.09
CA ALA A 11 -14.11 -16.07 10.68
C ALA A 11 -14.07 -16.18 12.21
N GLU A 12 -13.58 -17.30 12.71
CA GLU A 12 -13.42 -17.53 14.14
C GLU A 12 -12.38 -16.58 14.75
N ALA A 13 -11.26 -16.40 14.04
CA ALA A 13 -10.21 -15.48 14.47
C ALA A 13 -10.70 -14.03 14.44
N PHE A 14 -11.46 -13.69 13.41
CA PHE A 14 -12.08 -12.36 13.31
C PHE A 14 -12.97 -12.07 14.51
N HIS A 15 -13.79 -13.06 14.89
CA HIS A 15 -14.70 -12.90 16.03
C HIS A 15 -13.96 -12.76 17.35
N ARG A 16 -12.90 -13.55 17.53
CA ARG A 16 -12.06 -13.47 18.73
C ARG A 16 -11.45 -12.07 18.92
N MET A 17 -11.01 -11.46 17.83
CA MET A 17 -10.47 -10.10 17.88
C MET A 17 -11.58 -9.06 18.06
N GLY A 18 -12.63 -9.17 17.26
CA GLY A 18 -13.74 -8.22 17.28
C GLY A 18 -14.49 -8.14 18.59
N SER A 19 -14.78 -9.30 19.17
CA SER A 19 -15.52 -9.39 20.44
C SER A 19 -14.75 -8.83 21.64
N GLN A 20 -13.43 -8.74 21.52
CA GLN A 20 -12.57 -8.22 22.60
C GLN A 20 -12.10 -6.78 22.36
N ALA A 21 -12.60 -6.15 21.28
CA ALA A 21 -12.22 -4.78 20.93
C ALA A 21 -13.44 -4.01 20.42
N SER A 22 -14.42 -3.85 21.30
CA SER A 22 -15.67 -3.15 20.98
C SER A 22 -15.44 -1.66 20.66
N HIS A 23 -14.42 -1.08 21.26
CA HIS A 23 -14.03 0.32 21.01
C HIS A 23 -13.76 0.67 19.54
N ARG A 24 -13.36 -0.32 18.74
N ARG A 24 -13.36 -0.32 18.74
CA ARG A 24 -13.16 -0.14 17.30
CA ARG A 24 -13.16 -0.13 17.31
C ARG A 24 -14.45 0.24 16.56
C ARG A 24 -14.45 0.23 16.56
N TYR A 25 -15.59 -0.10 17.15
CA TYR A 25 -16.90 0.20 16.55
C TYR A 25 -17.44 1.60 16.90
N ASP A 26 -16.74 2.33 17.76
CA ASP A 26 -17.17 3.66 18.23
C ASP A 26 -17.42 4.66 17.09
N GLU A 27 -16.49 4.74 16.15
CA GLU A 27 -16.62 5.68 15.03
C GLU A 27 -17.88 5.41 14.21
N PHE A 28 -18.14 4.14 13.91
CA PHE A 28 -19.31 3.76 13.13
C PHE A 28 -20.62 4.06 13.88
N VAL A 29 -20.65 3.76 15.18
CA VAL A 29 -21.82 4.05 16.01
C VAL A 29 -22.13 5.55 16.01
N ASP A 30 -21.08 6.38 16.11
CA ASP A 30 -21.22 7.82 16.06
C ASP A 30 -21.82 8.31 14.73
N LEU A 31 -21.43 7.67 13.64
CA LEU A 31 -21.99 8.01 12.32
C LEU A 31 -23.48 7.66 12.26
N LEU A 32 -23.86 6.52 12.85
CA LEU A 32 -25.26 6.11 12.92
C LEU A 32 -26.10 7.09 13.76
N VAL A 33 -25.52 7.57 14.85
CA VAL A 33 -26.15 8.62 15.67
C VAL A 33 -26.30 9.90 14.85
N GLY A 34 -25.25 10.26 14.11
CA GLY A 34 -25.30 11.40 13.20
C GLY A 34 -26.32 11.25 12.09
N ALA A 35 -26.49 10.02 11.61
CA ALA A 35 -27.47 9.70 10.57
C ALA A 35 -28.91 9.70 11.08
N GLY A 36 -29.07 9.66 12.41
CA GLY A 36 -30.37 9.78 13.05
C GLY A 36 -30.94 8.48 13.60
N ILE A 37 -30.05 7.58 14.04
CA ILE A 37 -30.49 6.31 14.62
C ILE A 37 -31.22 6.56 15.93
N ALA A 38 -32.23 5.75 16.21
CA ALA A 38 -33.07 5.94 17.38
C ALA A 38 -33.77 4.63 17.74
N ASP A 39 -34.20 4.53 18.99
CA ASP A 39 -34.84 3.32 19.48
C ASP A 39 -36.19 3.09 18.80
N GLY A 40 -36.47 1.84 18.46
CA GLY A 40 -37.73 1.48 17.79
C GLY A 40 -37.64 1.39 16.27
N GLN A 41 -36.53 1.87 15.70
CA GLN A 41 -36.35 1.88 14.25
C GLN A 41 -36.05 0.49 13.69
N THR A 42 -36.32 0.33 12.40
CA THR A 42 -35.90 -0.86 11.66
C THR A 42 -34.55 -0.59 11.02
N VAL A 43 -33.57 -1.44 11.35
CA VAL A 43 -32.20 -1.28 10.88
C VAL A 43 -31.70 -2.59 10.27
N VAL A 44 -31.16 -2.50 9.06
CA VAL A 44 -30.59 -3.65 8.36
C VAL A 44 -29.08 -3.47 8.24
N ASP A 45 -28.32 -4.46 8.74
CA ASP A 45 -26.87 -4.45 8.67
C ASP A 45 -26.37 -5.46 7.63
N LEU A 46 -25.98 -4.96 6.47
CA LEU A 46 -25.43 -5.78 5.40
C LEU A 46 -23.96 -6.14 5.68
N CYS A 47 -23.63 -7.41 5.53
CA CYS A 47 -22.29 -7.93 5.81
C CYS A 47 -21.95 -7.81 7.29
N CYS A 48 -22.86 -8.32 8.12
CA CYS A 48 -22.83 -8.12 9.58
C CYS A 48 -21.72 -8.86 10.33
N GLY A 49 -21.04 -9.80 9.67
CA GLY A 49 -19.97 -10.56 10.31
C GLY A 49 -20.46 -11.36 11.50
N SER A 50 -19.70 -11.34 12.59
CA SER A 50 -20.00 -12.14 13.79
C SER A 50 -20.87 -11.42 14.82
N GLY A 51 -21.52 -10.33 14.41
CA GLY A 51 -22.59 -9.71 15.19
C GLY A 51 -22.18 -8.73 16.28
N GLU A 52 -20.92 -8.30 16.27
CA GLU A 52 -20.43 -7.34 17.27
C GLU A 52 -21.24 -6.06 17.29
N LEU A 53 -21.47 -5.48 16.11
CA LEU A 53 -22.24 -4.24 16.00
C LEU A 53 -23.68 -4.43 16.51
N GLU A 54 -24.27 -5.58 16.22
CA GLU A 54 -25.66 -5.85 16.61
C GLU A 54 -25.83 -5.88 18.12
N VAL A 55 -24.87 -6.52 18.80
CA VAL A 55 -24.85 -6.58 20.25
C VAL A 55 -24.69 -5.17 20.85
N ILE A 56 -23.83 -4.37 20.24
CA ILE A 56 -23.60 -2.99 20.67
C ILE A 56 -24.85 -2.13 20.49
N LEU A 57 -25.46 -2.19 19.31
CA LEU A 57 -26.66 -1.39 19.01
C LEU A 57 -27.87 -1.78 19.87
N SER A 58 -28.09 -3.09 20.01
CA SER A 58 -29.22 -3.60 20.81
C SER A 58 -29.11 -3.21 22.28
N SER A 59 -27.89 -3.10 22.80
CA SER A 59 -27.66 -2.64 24.17
C SER A 59 -28.13 -1.20 24.37
N ARG A 60 -27.72 -0.32 23.45
CA ARG A 60 -28.14 1.09 23.50
C ARG A 60 -29.60 1.31 23.11
N PHE A 61 -30.09 0.50 22.16
CA PHE A 61 -31.45 0.63 21.65
C PHE A 61 -32.16 -0.73 21.71
N PRO A 62 -32.68 -1.11 22.89
CA PRO A 62 -33.28 -2.44 23.09
C PRO A 62 -34.53 -2.74 22.24
N SER A 63 -35.21 -1.71 21.75
CA SER A 63 -36.41 -1.89 20.91
C SER A 63 -36.15 -1.78 19.40
N LEU A 64 -34.88 -1.75 18.99
CA LEU A 64 -34.54 -1.74 17.55
C LEU A 64 -35.01 -3.03 16.88
N ASN A 65 -35.61 -2.89 15.70
CA ASN A 65 -35.87 -4.04 14.84
C ASN A 65 -34.65 -4.25 13.95
N LEU A 66 -33.71 -5.02 14.48
CA LEU A 66 -32.37 -5.16 13.91
C LEU A 66 -32.20 -6.53 13.24
N VAL A 67 -31.70 -6.52 12.01
CA VAL A 67 -31.39 -7.74 11.28
C VAL A 67 -29.99 -7.63 10.65
N GLY A 68 -29.16 -8.63 10.93
CA GLY A 68 -27.83 -8.73 10.32
C GLY A 68 -27.85 -9.75 9.19
N VAL A 69 -27.17 -9.42 8.09
CA VAL A 69 -27.13 -10.26 6.90
C VAL A 69 -25.69 -10.49 6.48
N ASP A 70 -25.31 -11.74 6.24
CA ASP A 70 -23.95 -12.08 5.83
C ASP A 70 -23.90 -13.26 4.87
N LEU A 71 -22.92 -13.24 3.97
CA LEU A 71 -22.76 -14.27 2.94
C LEU A 71 -22.13 -15.53 3.50
N SER A 72 -21.41 -15.39 4.60
CA SER A 72 -20.74 -16.51 5.26
C SER A 72 -21.68 -17.21 6.23
N GLU A 73 -21.90 -18.51 5.99
CA GLU A 73 -22.71 -19.33 6.90
C GLU A 73 -22.02 -19.49 8.27
N ASP A 74 -20.69 -19.46 8.26
CA ASP A 74 -19.92 -19.53 9.50
C ASP A 74 -20.13 -18.30 10.36
N MET A 75 -20.11 -17.12 9.74
CA MET A 75 -20.38 -15.87 10.44
C MET A 75 -21.80 -15.80 11.01
N VAL A 76 -22.77 -16.29 10.26
CA VAL A 76 -24.17 -16.32 10.71
C VAL A 76 -24.31 -17.21 11.95
N ARG A 77 -23.66 -18.38 11.91
CA ARG A 77 -23.64 -19.28 13.06
C ARG A 77 -23.00 -18.62 14.27
N ILE A 78 -21.81 -18.08 14.08
CA ILE A 78 -21.06 -17.41 15.15
C ILE A 78 -21.85 -16.25 15.75
N ALA A 79 -22.44 -15.43 14.89
CA ALA A 79 -23.24 -14.28 15.31
C ALA A 79 -24.40 -14.69 16.22
N ARG A 80 -25.10 -15.75 15.82
CA ARG A 80 -26.21 -16.30 16.61
C ARG A 80 -25.76 -16.82 17.97
N GLU A 81 -24.64 -17.55 17.97
CA GLU A 81 -24.04 -18.05 19.22
C GLU A 81 -23.59 -16.89 20.11
N TYR A 82 -22.97 -15.88 19.50
CA TYR A 82 -22.50 -14.70 20.22
C TYR A 82 -23.65 -13.92 20.86
N ALA A 83 -24.72 -13.71 20.10
CA ALA A 83 -25.92 -13.03 20.59
C ALA A 83 -26.54 -13.78 21.78
N ALA A 84 -26.59 -15.11 21.66
CA ALA A 84 -27.08 -15.98 22.74
C ALA A 84 -26.21 -15.88 23.99
N GLU A 85 -24.90 -15.86 23.81
CA GLU A 85 -23.94 -15.70 24.91
C GLU A 85 -24.13 -14.36 25.63
N GLN A 86 -24.44 -13.32 24.87
CA GLN A 86 -24.66 -11.98 25.42
C GLN A 86 -26.06 -11.79 26.00
N GLY A 87 -26.93 -12.78 25.80
CA GLY A 87 -28.28 -12.76 26.35
C GLY A 87 -29.22 -11.87 25.55
N LYS A 88 -29.13 -11.98 24.22
CA LYS A 88 -29.89 -11.12 23.31
C LYS A 88 -30.56 -11.94 22.21
N ALA A 89 -31.80 -11.56 21.90
CA ALA A 89 -32.59 -12.24 20.88
C ALA A 89 -32.51 -11.47 19.57
N LEU A 90 -31.38 -11.64 18.89
CA LEU A 90 -31.10 -10.93 17.64
C LEU A 90 -31.27 -11.85 16.43
N GLU A 91 -31.68 -11.26 15.31
CA GLU A 91 -31.91 -12.01 14.08
C GLU A 91 -30.74 -11.85 13.11
N PHE A 92 -30.27 -12.99 12.59
CA PHE A 92 -29.23 -13.02 11.57
C PHE A 92 -29.66 -13.90 10.42
N ARG A 93 -29.30 -13.48 9.22
CA ARG A 93 -29.71 -14.17 8.00
C ARG A 93 -28.53 -14.44 7.11
N HIS A 94 -28.57 -15.56 6.42
CA HIS A 94 -27.63 -15.83 5.37
C HIS A 94 -28.14 -15.07 4.16
N GLY A 95 -27.25 -14.36 3.48
CA GLY A 95 -27.66 -13.56 2.33
C GLY A 95 -26.53 -12.80 1.66
N ASP A 96 -26.81 -12.31 0.46
CA ASP A 96 -25.85 -11.57 -0.36
C ASP A 96 -26.26 -10.10 -0.42
N ALA A 97 -25.36 -9.22 0.00
CA ALA A 97 -25.63 -7.78 0.00
C ALA A 97 -25.85 -7.20 -1.40
N GLN A 98 -25.40 -7.93 -2.42
CA GLN A 98 -25.55 -7.53 -3.82
C GLN A 98 -26.86 -7.99 -4.46
N LEU A 99 -27.75 -8.57 -3.66
CA LEU A 99 -29.05 -9.07 -4.14
C LEU A 99 -30.11 -8.93 -3.05
N LEU A 100 -31.36 -8.68 -3.47
CA LEU A 100 -32.48 -8.61 -2.52
C LEU A 100 -32.95 -9.98 -2.01
N ALA A 101 -32.58 -11.04 -2.72
CA ALA A 101 -32.94 -12.41 -2.33
C ALA A 101 -32.81 -12.66 -0.83
N GLY A 102 -33.88 -13.11 -0.20
CA GLY A 102 -33.91 -13.38 1.24
C GLY A 102 -34.19 -12.16 2.12
N MET A 103 -34.34 -10.99 1.50
CA MET A 103 -34.60 -9.74 2.21
C MET A 103 -35.83 -9.00 1.65
N GLU A 104 -36.69 -9.71 0.91
CA GLU A 104 -37.84 -9.09 0.25
C GLU A 104 -38.87 -8.54 1.22
N ASP A 105 -38.96 -9.15 2.41
CA ASP A 105 -39.84 -8.67 3.47
C ASP A 105 -39.42 -7.31 4.05
N LEU A 106 -38.14 -6.99 3.91
CA LEU A 106 -37.57 -5.73 4.40
C LEU A 106 -37.55 -4.62 3.34
N ALA A 107 -37.90 -4.98 2.10
CA ALA A 107 -37.85 -4.04 0.98
C ALA A 107 -38.70 -2.79 1.24
N GLY A 108 -38.05 -1.63 1.20
CA GLY A 108 -38.71 -0.34 1.45
C GLY A 108 -39.20 -0.13 2.88
N LYS A 109 -38.62 -0.84 3.84
CA LYS A 109 -39.07 -0.78 5.24
C LYS A 109 -38.00 -0.41 6.27
N ALA A 110 -36.75 -0.25 5.83
CA ALA A 110 -35.64 0.06 6.73
C ALA A 110 -35.50 1.56 6.93
N ASP A 111 -35.48 1.98 8.20
CA ASP A 111 -35.15 3.37 8.55
C ASP A 111 -33.68 3.65 8.25
N LEU A 112 -32.83 2.67 8.53
CA LEU A 112 -31.39 2.79 8.35
C LEU A 112 -30.84 1.49 7.79
N VAL A 113 -30.15 1.56 6.66
CA VAL A 113 -29.44 0.41 6.10
C VAL A 113 -27.94 0.73 6.18
N VAL A 114 -27.19 -0.16 6.82
CA VAL A 114 -25.80 0.13 7.17
C VAL A 114 -24.85 -1.01 6.78
N SER A 115 -23.58 -0.67 6.60
CA SER A 115 -22.54 -1.66 6.39
C SER A 115 -21.19 -1.12 6.86
N ARG A 116 -20.45 -1.94 7.60
CA ARG A 116 -19.16 -1.54 8.18
C ARG A 116 -18.05 -2.51 7.76
N ASN A 117 -16.97 -1.95 7.20
CA ASN A 117 -15.76 -2.72 6.87
C ASN A 117 -16.05 -4.00 6.08
N ALA A 118 -16.85 -3.87 5.03
CA ALA A 118 -17.23 -5.01 4.19
C ALA A 118 -17.31 -4.72 2.70
N PHE A 119 -17.88 -3.57 2.34
CA PHE A 119 -18.13 -3.20 0.93
C PHE A 119 -16.88 -3.23 0.05
N HIS A 120 -15.70 -3.03 0.65
CA HIS A 120 -14.43 -3.15 -0.08
C HIS A 120 -14.16 -4.57 -0.61
N ARG A 121 -14.80 -5.57 -0.01
CA ARG A 121 -14.64 -6.97 -0.41
C ARG A 121 -15.48 -7.39 -1.63
N LEU A 122 -16.45 -6.57 -2.01
CA LEU A 122 -17.47 -6.97 -2.98
C LEU A 122 -16.99 -6.98 -4.43
N THR A 123 -17.62 -7.82 -5.25
CA THR A 123 -17.34 -7.89 -6.68
C THR A 123 -18.18 -6.89 -7.46
N ARG A 124 -19.42 -6.69 -7.03
CA ARG A 124 -20.34 -5.74 -7.68
C ARG A 124 -20.82 -4.68 -6.70
N LEU A 125 -20.04 -3.62 -6.58
CA LEU A 125 -20.29 -2.54 -5.61
C LEU A 125 -21.60 -1.76 -5.86
N PRO A 126 -21.89 -1.43 -7.14
CA PRO A 126 -23.16 -0.73 -7.41
C PRO A 126 -24.41 -1.54 -7.06
N ALA A 127 -24.32 -2.86 -7.20
CA ALA A 127 -25.41 -3.77 -6.82
C ALA A 127 -25.68 -3.73 -5.32
N ALA A 128 -24.62 -3.58 -4.53
CA ALA A 128 -24.75 -3.45 -3.08
C ALA A 128 -25.47 -2.17 -2.68
N PHE A 129 -25.07 -1.04 -3.26
CA PHE A 129 -25.74 0.24 -3.02
C PHE A 129 -27.19 0.23 -3.54
N ASP A 130 -27.45 -0.52 -4.60
CA ASP A 130 -28.80 -0.72 -5.13
C ASP A 130 -29.67 -1.41 -4.08
N THR A 131 -29.17 -2.51 -3.53
CA THR A 131 -29.83 -3.22 -2.43
C THR A 131 -30.09 -2.30 -1.23
N MET A 132 -29.09 -1.50 -0.88
CA MET A 132 -29.20 -0.55 0.24
C MET A 132 -30.40 0.38 0.07
N LEU A 133 -30.46 1.04 -1.08
CA LEU A 133 -31.50 2.02 -1.35
C LEU A 133 -32.90 1.41 -1.49
N ARG A 134 -32.96 0.19 -1.99
CA ARG A 134 -34.24 -0.52 -2.15
C ARG A 134 -34.78 -1.06 -0.81
N LEU A 135 -33.87 -1.41 0.09
CA LEU A 135 -34.25 -1.78 1.46
C LEU A 135 -34.70 -0.57 2.27
N ALA A 136 -34.11 0.59 1.98
CA ALA A 136 -34.46 1.83 2.66
C ALA A 136 -35.89 2.27 2.33
N LYS A 137 -36.65 2.66 3.35
CA LYS A 137 -37.95 3.25 3.14
C LYS A 137 -37.76 4.67 2.59
N PRO A 138 -38.81 5.23 1.95
CA PRO A 138 -38.71 6.63 1.54
C PRO A 138 -38.41 7.52 2.75
N GLY A 139 -37.37 8.35 2.61
CA GLY A 139 -36.89 9.17 3.72
C GLY A 139 -35.90 8.45 4.63
N GLY A 140 -35.65 7.18 4.36
CA GLY A 140 -34.69 6.39 5.12
C GLY A 140 -33.28 6.69 4.69
N ALA A 141 -32.32 6.41 5.56
CA ALA A 141 -30.91 6.68 5.27
C ALA A 141 -30.13 5.39 5.03
N VAL A 142 -29.02 5.53 4.31
CA VAL A 142 -28.09 4.43 4.07
C VAL A 142 -26.68 4.92 4.41
N LEU A 143 -25.87 4.06 5.00
CA LEU A 143 -24.51 4.43 5.42
C LEU A 143 -23.53 3.27 5.30
N ASN A 144 -22.57 3.42 4.41
CA ASN A 144 -21.42 2.52 4.33
C ASN A 144 -20.17 3.20 4.87
N CYS A 145 -19.38 2.46 5.63
CA CYS A 145 -18.02 2.86 5.98
C CYS A 145 -17.12 1.65 5.77
N SER A 146 -16.14 1.79 4.87
CA SER A 146 -15.30 0.66 4.46
C SER A 146 -13.91 1.12 3.99
N PHE A 147 -13.06 0.14 3.67
CA PHE A 147 -11.65 0.40 3.38
C PHE A 147 -11.46 1.04 2.01
N ILE A 148 -10.42 1.87 1.93
CA ILE A 148 -10.01 2.51 0.68
CA ILE A 148 -10.03 2.49 0.68
C ILE A 148 -8.68 1.93 0.23
N HIS A 149 -8.47 1.90 -1.07
CA HIS A 149 -7.20 1.43 -1.60
C HIS A 149 -6.12 2.39 -1.13
N PRO A 150 -4.94 1.87 -0.74
CA PRO A 150 -3.89 2.75 -0.19
C PRO A 150 -3.41 3.88 -1.10
N SER A 151 -3.61 3.73 -2.42
CA SER A 151 -3.30 4.80 -3.38
CA SER A 151 -3.28 4.80 -3.37
C SER A 151 -4.04 6.09 -3.06
N ASP A 152 -5.17 5.98 -2.35
CA ASP A 152 -5.96 7.15 -1.96
C ASP A 152 -5.56 7.78 -0.62
N PHE A 153 -4.61 7.18 0.10
CA PHE A 153 -4.09 7.78 1.33
C PHE A 153 -3.16 8.95 0.99
N ASP A 154 -3.18 9.98 1.83
CA ASP A 154 -2.09 10.96 1.86
C ASP A 154 -1.02 10.41 2.80
N GLU A 155 0.06 11.16 3.04
CA GLU A 155 1.14 10.66 3.90
C GLU A 155 0.64 10.28 5.29
N SER A 156 -0.16 11.14 5.91
CA SER A 156 -0.70 10.88 7.24
C SER A 156 -1.52 9.58 7.28
N GLY A 157 -2.35 9.38 6.27
CA GLY A 157 -3.16 8.16 6.15
C GLY A 157 -2.31 6.92 5.99
N PHE A 158 -1.25 7.01 5.19
CA PHE A 158 -0.35 5.90 4.95
C PHE A 158 0.44 5.54 6.22
N ARG A 159 0.90 6.55 6.94
CA ARG A 159 1.57 6.35 8.24
C ARG A 159 0.65 5.62 9.22
N ALA A 160 -0.59 6.09 9.31
CA ALA A 160 -1.60 5.45 10.15
C ALA A 160 -1.83 3.99 9.76
N TRP A 161 -1.83 3.72 8.46
CA TRP A 161 -2.02 2.36 7.94
C TRP A 161 -0.88 1.44 8.37
N VAL A 162 0.36 1.93 8.24
CA VAL A 162 1.55 1.19 8.69
C VAL A 162 1.49 0.94 10.20
N THR A 163 1.12 1.96 10.97
CA THR A 163 0.97 1.83 12.42
C THR A 163 -0.07 0.77 12.80
N PHE A 164 -1.19 0.74 12.08
CA PHE A 164 -2.25 -0.26 12.30
C PHE A 164 -1.72 -1.68 12.03
N LEU A 165 -1.04 -1.85 10.90
N LEU A 165 -1.03 -1.83 10.90
CA LEU A 165 -0.38 -3.10 10.56
CA LEU A 165 -0.38 -3.09 10.53
C LEU A 165 0.56 -3.59 11.65
C LEU A 165 0.60 -3.59 11.60
N ASN A 166 1.28 -2.65 12.26
CA ASN A 166 2.25 -2.95 13.31
C ASN A 166 1.67 -3.37 14.66
N GLN A 167 0.36 -3.21 14.85
CA GLN A 167 -0.28 -3.57 16.12
C GLN A 167 -0.06 -5.05 16.44
N ARG A 168 0.06 -5.37 17.72
CA ARG A 168 0.35 -6.74 18.12
C ARG A 168 -0.16 -7.15 19.51
N PRO A 169 -1.22 -8.16 19.38
CA PRO A 169 -0.77 -9.35 18.57
C PRO A 169 -1.92 -9.45 17.57
N TRP A 170 -1.71 -10.07 16.42
CA TRP A 170 -2.81 -10.37 15.52
C TRP A 170 -3.21 -11.83 15.74
N ASP A 171 -4.51 -12.10 15.75
CA ASP A 171 -5.01 -13.46 15.90
C ASP A 171 -4.84 -14.21 14.58
N SER A 172 -4.14 -15.34 14.65
CA SER A 172 -3.93 -16.22 13.50
C SER A 172 -3.43 -15.45 12.27
N GLU A 173 -4.22 -15.42 11.19
CA GLU A 173 -3.82 -14.76 9.95
C GLU A 173 -4.59 -13.46 9.69
N MET A 174 -5.08 -12.83 10.75
CA MET A 174 -5.89 -11.62 10.61
C MET A 174 -5.15 -10.41 10.05
N GLN A 175 -3.82 -10.35 10.22
CA GLN A 175 -3.07 -9.23 9.68
C GLN A 175 -3.11 -9.21 8.17
N ILE A 176 -2.82 -10.34 7.54
CA ILE A 176 -2.79 -10.38 6.08
C ILE A 176 -4.21 -10.28 5.50
N VAL A 177 -5.20 -10.79 6.23
CA VAL A 177 -6.60 -10.62 5.84
C VAL A 177 -6.95 -9.13 5.81
N TRP A 178 -6.58 -8.41 6.87
CA TRP A 178 -6.78 -6.96 6.95
C TRP A 178 -6.02 -6.22 5.84
N ALA A 179 -4.75 -6.58 5.66
CA ALA A 179 -3.89 -5.93 4.67
C ALA A 179 -4.34 -6.19 3.23
N LEU A 180 -4.68 -7.44 2.92
CA LEU A 180 -5.15 -7.79 1.57
C LEU A 180 -6.50 -7.17 1.24
N ALA A 181 -7.34 -6.97 2.27
CA ALA A 181 -8.61 -6.28 2.10
C ALA A 181 -8.40 -4.85 1.61
N HIS A 182 -7.24 -4.30 1.92
CA HIS A 182 -6.85 -2.99 1.41
C HIS A 182 -6.29 -3.08 0.00
N HIS A 183 -5.39 -4.03 -0.21
CA HIS A 183 -4.86 -4.33 -1.55
C HIS A 183 -5.96 -4.47 -2.60
N TYR A 184 -7.06 -5.14 -2.21
CA TYR A 184 -8.20 -5.39 -3.11
C TYR A 184 -9.33 -4.34 -2.99
N ALA A 185 -9.09 -3.26 -2.25
CA ALA A 185 -10.13 -2.27 -1.97
C ALA A 185 -10.38 -1.38 -3.20
N PRO A 186 -11.62 -0.86 -3.33
CA PRO A 186 -11.90 0.11 -4.40
C PRO A 186 -11.26 1.48 -4.15
N ARG A 187 -11.13 2.26 -5.21
CA ARG A 187 -10.70 3.65 -5.12
C ARG A 187 -11.88 4.52 -4.69
N LEU A 188 -11.60 5.76 -4.30
CA LEU A 188 -12.64 6.70 -3.89
C LEU A 188 -13.68 6.89 -4.99
N ASP A 189 -13.19 7.05 -6.22
CA ASP A 189 -14.05 7.24 -7.39
C ASP A 189 -14.95 6.03 -7.68
N ASP A 190 -14.50 4.84 -7.32
CA ASP A 190 -15.31 3.62 -7.47
C ASP A 190 -16.53 3.69 -6.55
N TYR A 191 -16.29 4.02 -5.28
CA TYR A 191 -17.37 4.24 -4.32
C TYR A 191 -18.33 5.33 -4.79
N ARG A 192 -17.78 6.46 -5.22
CA ARG A 192 -18.58 7.59 -5.72
C ARG A 192 -19.50 7.16 -6.86
N GLU A 193 -18.92 6.53 -7.88
CA GLU A 193 -19.66 6.07 -9.05
C GLU A 193 -20.69 4.98 -8.72
N ALA A 194 -20.35 4.09 -7.79
CA ALA A 194 -21.23 3.00 -7.40
C ALA A 194 -22.52 3.51 -6.74
N LEU A 195 -22.38 4.47 -5.83
CA LEU A 195 -23.52 5.09 -5.16
C LEU A 195 -24.36 5.92 -6.14
N ALA A 196 -23.69 6.68 -7.00
CA ALA A 196 -24.36 7.48 -8.03
C ALA A 196 -25.20 6.61 -8.96
N GLN A 197 -24.65 5.48 -9.37
CA GLN A 197 -25.36 4.53 -10.24
C GLN A 197 -26.62 4.00 -9.58
N ALA A 198 -26.51 3.65 -8.30
CA ALA A 198 -27.65 3.16 -7.51
C ALA A 198 -28.71 4.25 -7.32
N ALA A 199 -28.26 5.48 -7.10
CA ALA A 199 -29.16 6.61 -6.87
C ALA A 199 -29.96 6.99 -8.12
N ARG A 200 -29.42 6.70 -9.29
CA ARG A 200 -30.13 6.89 -10.56
C ARG A 200 -31.33 5.95 -10.69
N GLU A 201 -31.23 4.76 -10.11
CA GLU A 201 -32.33 3.79 -10.11
C GLU A 201 -33.34 4.11 -9.00
N THR A 202 -32.83 4.35 -7.79
CA THR A 202 -33.64 4.72 -6.63
C THR A 202 -33.29 6.15 -6.18
N PRO A 203 -34.07 7.15 -6.62
CA PRO A 203 -33.79 8.56 -6.35
C PRO A 203 -33.50 8.88 -4.87
N VAL A 204 -32.54 9.77 -4.66
CA VAL A 204 -32.14 10.21 -3.33
C VAL A 204 -32.28 11.73 -3.22
N SER A 205 -32.56 12.22 -2.02
CA SER A 205 -32.61 13.66 -1.75
C SER A 205 -31.24 14.20 -1.32
N GLU A 206 -30.33 13.30 -1.01
CA GLU A 206 -29.03 13.65 -0.46
C GLU A 206 -28.04 12.52 -0.71
N GLN A 207 -26.80 12.87 -1.04
CA GLN A 207 -25.72 11.88 -1.14
C GLN A 207 -24.37 12.54 -0.90
N ARG A 208 -23.50 11.84 -0.17
CA ARG A 208 -22.20 12.36 0.19
C ARG A 208 -21.22 11.20 0.39
N VAL A 209 -20.05 11.32 -0.22
CA VAL A 209 -18.96 10.34 -0.08
C VAL A 209 -17.70 11.09 0.33
N TRP A 210 -17.05 10.63 1.38
CA TRP A 210 -15.83 11.27 1.88
C TRP A 210 -14.91 10.29 2.60
N ILE A 211 -13.65 10.70 2.74
CA ILE A 211 -12.65 9.94 3.46
C ILE A 211 -12.17 10.73 4.67
N ASP A 212 -12.17 10.07 5.83
CA ASP A 212 -11.49 10.60 7.01
C ASP A 212 -11.28 9.48 8.03
N ASP A 213 -10.62 9.82 9.15
CA ASP A 213 -10.45 8.89 10.27
C ASP A 213 -10.86 9.60 11.56
N GLN A 214 -12.02 9.22 12.08
CA GLN A 214 -12.54 9.79 13.33
C GLN A 214 -12.57 8.77 14.48
N GLY A 215 -11.70 7.77 14.43
CA GLY A 215 -11.57 6.81 15.54
C GLY A 215 -11.04 5.43 15.24
N TYR A 216 -11.39 4.88 14.07
CA TYR A 216 -11.03 3.50 13.72
C TYR A 216 -9.52 3.27 13.76
N GLY A 217 -8.75 4.21 13.24
CA GLY A 217 -7.30 4.15 13.28
C GLY A 217 -6.61 4.31 11.94
N VAL A 218 -7.37 4.11 10.87
CA VAL A 218 -6.92 4.41 9.51
C VAL A 218 -8.04 5.16 8.80
N PRO A 219 -7.72 5.97 7.79
CA PRO A 219 -8.78 6.60 7.01
C PRO A 219 -9.65 5.57 6.31
N THR A 220 -10.96 5.78 6.34
CA THR A 220 -11.91 4.92 5.65
C THR A 220 -12.89 5.79 4.87
N VAL A 221 -13.46 5.23 3.81
CA VAL A 221 -14.47 5.95 3.03
C VAL A 221 -15.81 5.85 3.75
N LYS A 222 -16.55 6.95 3.72
CA LYS A 222 -17.93 6.98 4.20
C LYS A 222 -18.83 7.30 3.01
N CYS A 223 -19.90 6.53 2.86
CA CYS A 223 -20.89 6.78 1.81
C CYS A 223 -22.26 6.90 2.45
N PHE A 224 -22.87 8.08 2.33
CA PHE A 224 -24.17 8.36 2.93
C PHE A 224 -25.14 8.84 1.86
N ALA A 225 -26.37 8.35 1.93
CA ALA A 225 -27.46 8.84 1.10
C ALA A 225 -28.78 8.76 1.86
N ARG A 226 -29.70 9.64 1.47
CA ARG A 226 -31.04 9.69 2.05
C ARG A 226 -32.02 9.44 0.91
N ARG A 227 -32.77 8.34 0.99
CA ARG A 227 -33.74 8.02 -0.04
C ARG A 227 -34.82 9.10 -0.10
N ALA A 228 -35.23 9.45 -1.31
CA ALA A 228 -36.17 10.55 -1.53
C ALA A 228 -37.52 10.32 -0.86
N ALA A 229 -38.22 11.41 -0.59
CA ALA A 229 -39.55 11.37 0.02
C ALA A 229 -40.55 10.66 -0.89
N ALA A 230 -41.61 10.13 -0.27
CA ALA A 230 -42.67 9.42 -1.00
C ALA A 230 -43.65 10.43 -1.59
N MET B 1 6.71 14.66 4.61
CA MET B 1 6.93 15.34 3.30
C MET B 1 7.80 14.45 2.42
N LYS B 2 7.56 14.49 1.10
CA LYS B 2 8.42 13.79 0.15
C LYS B 2 9.70 14.59 -0.05
N ILE B 3 10.82 14.04 0.41
CA ILE B 3 12.13 14.69 0.33
C ILE B 3 13.12 13.72 -0.31
N GLU B 4 13.92 14.21 -1.26
CA GLU B 4 14.84 13.37 -2.00
C GLU B 4 15.95 12.78 -1.12
N ALA B 5 16.79 13.64 -0.56
CA ALA B 5 17.97 13.21 0.19
C ALA B 5 17.61 12.61 1.55
N ILE B 6 18.39 11.62 1.97
CA ILE B 6 18.28 11.04 3.31
C ILE B 6 19.42 11.62 4.14
N THR B 7 19.08 12.29 5.24
CA THR B 7 20.06 13.05 6.02
C THR B 7 19.90 12.82 7.52
N GLY B 8 20.83 13.39 8.28
CA GLY B 8 20.77 13.38 9.74
C GLY B 8 20.77 11.98 10.34
N SER B 9 19.94 11.80 11.38
CA SER B 9 19.87 10.54 12.12
C SER B 9 19.33 9.38 11.26
N GLU B 10 18.49 9.70 10.28
CA GLU B 10 17.98 8.68 9.36
C GLU B 10 19.08 8.10 8.48
N ALA B 11 20.00 8.97 8.04
CA ALA B 11 21.16 8.53 7.27
C ALA B 11 22.04 7.60 8.09
N GLU B 12 22.26 7.96 9.35
CA GLU B 12 23.06 7.15 10.27
C GLU B 12 22.40 5.79 10.54
N ALA B 13 21.09 5.80 10.73
CA ALA B 13 20.33 4.57 10.98
C ALA B 13 20.34 3.68 9.74
N PHE B 14 20.17 4.28 8.57
CA PHE B 14 20.25 3.56 7.30
C PHE B 14 21.58 2.80 7.18
N HIS B 15 22.67 3.46 7.55
CA HIS B 15 24.01 2.86 7.46
C HIS B 15 24.21 1.73 8.47
N ARG B 16 23.74 1.94 9.70
CA ARG B 16 23.81 0.90 10.74
C ARG B 16 23.15 -0.40 10.28
N MET B 17 21.99 -0.28 9.64
CA MET B 17 21.29 -1.43 9.08
C MET B 17 22.01 -2.01 7.86
N GLY B 18 22.38 -1.13 6.94
CA GLY B 18 23.03 -1.54 5.69
C GLY B 18 24.32 -2.32 5.86
N SER B 19 25.16 -1.86 6.79
CA SER B 19 26.48 -2.45 7.00
C SER B 19 26.43 -3.85 7.63
N GLN B 20 25.29 -4.21 8.22
CA GLN B 20 25.09 -5.52 8.84
C GLN B 20 24.12 -6.40 8.04
N ALA B 21 23.90 -6.06 6.78
CA ALA B 21 22.96 -6.78 5.92
C ALA B 21 23.42 -6.75 4.47
N SER B 22 24.65 -7.22 4.25
CA SER B 22 25.24 -7.27 2.91
C SER B 22 24.47 -8.19 1.95
N HIS B 23 23.84 -9.22 2.51
CA HIS B 23 23.03 -10.17 1.73
C HIS B 23 21.91 -9.51 0.91
N ARG B 24 21.38 -8.40 1.41
CA ARG B 24 20.37 -7.61 0.69
C ARG B 24 20.84 -7.08 -0.66
N TYR B 25 22.16 -6.94 -0.82
CA TYR B 25 22.75 -6.43 -2.06
C TYR B 25 23.01 -7.52 -3.12
N ASP B 26 22.75 -8.78 -2.75
CA ASP B 26 23.06 -9.91 -3.63
C ASP B 26 22.33 -9.85 -4.97
N GLU B 27 21.03 -9.55 -4.94
CA GLU B 27 20.24 -9.48 -6.18
C GLU B 27 20.82 -8.44 -7.14
N PHE B 28 21.17 -7.27 -6.62
CA PHE B 28 21.70 -6.19 -7.45
C PHE B 28 23.07 -6.54 -8.02
N VAL B 29 23.94 -7.12 -7.20
CA VAL B 29 25.27 -7.54 -7.65
C VAL B 29 25.14 -8.56 -8.80
N ASP B 30 24.21 -9.51 -8.66
CA ASP B 30 23.96 -10.50 -9.72
C ASP B 30 23.52 -9.84 -11.03
N LEU B 31 22.70 -8.80 -10.94
CA LEU B 31 22.28 -8.02 -12.11
C LEU B 31 23.47 -7.35 -12.79
N LEU B 32 24.39 -6.81 -11.98
CA LEU B 32 25.61 -6.20 -12.51
C LEU B 32 26.51 -7.24 -13.19
N VAL B 33 26.59 -8.42 -12.60
CA VAL B 33 27.33 -9.54 -13.20
C VAL B 33 26.71 -9.90 -14.56
N GLY B 34 25.38 -10.00 -14.60
CA GLY B 34 24.66 -10.24 -15.85
C GLY B 34 24.80 -9.13 -16.88
N ALA B 35 24.98 -7.90 -16.39
CA ALA B 35 25.19 -6.73 -17.25
C ALA B 35 26.61 -6.65 -17.81
N GLY B 36 27.52 -7.45 -17.25
CA GLY B 36 28.89 -7.56 -17.75
C GLY B 36 29.93 -6.83 -16.92
N ILE B 37 29.68 -6.66 -15.62
CA ILE B 37 30.64 -5.99 -14.74
C ILE B 37 31.91 -6.83 -14.66
N ALA B 38 33.05 -6.15 -14.60
CA ALA B 38 34.34 -6.82 -14.61
C ALA B 38 35.41 -5.93 -14.01
N ASP B 39 36.48 -6.55 -13.53
CA ASP B 39 37.55 -5.82 -12.87
C ASP B 39 38.21 -4.83 -13.83
N GLY B 40 38.58 -3.67 -13.31
CA GLY B 40 39.22 -2.62 -14.11
C GLY B 40 38.27 -1.63 -14.78
N GLN B 41 36.97 -1.92 -14.76
CA GLN B 41 35.98 -1.06 -15.40
C GLN B 41 35.73 0.23 -14.63
N THR B 42 35.20 1.23 -15.33
CA THR B 42 34.75 2.47 -14.72
C THR B 42 33.26 2.33 -14.42
N VAL B 43 32.90 2.46 -13.15
CA VAL B 43 31.52 2.29 -12.70
C VAL B 43 31.10 3.49 -11.86
N VAL B 44 29.97 4.09 -12.21
CA VAL B 44 29.40 5.20 -11.47
C VAL B 44 28.10 4.77 -10.79
N ASP B 45 28.06 4.90 -9.46
CA ASP B 45 26.88 4.56 -8.66
C ASP B 45 26.14 5.84 -8.25
N LEU B 46 25.02 6.10 -8.91
CA LEU B 46 24.19 7.26 -8.60
C LEU B 46 23.29 6.97 -7.40
N CYS B 47 23.26 7.92 -6.46
CA CYS B 47 22.49 7.79 -5.22
C CYS B 47 23.05 6.67 -4.34
N CYS B 48 24.37 6.74 -4.13
CA CYS B 48 25.14 5.64 -3.54
C CYS B 48 24.93 5.41 -2.04
N GLY B 49 24.33 6.37 -1.34
CA GLY B 49 24.10 6.23 0.10
C GLY B 49 25.39 6.16 0.89
N SER B 50 25.43 5.25 1.87
CA SER B 50 26.57 5.15 2.80
C SER B 50 27.68 4.19 2.33
N GLY B 51 27.65 3.82 1.06
CA GLY B 51 28.78 3.13 0.41
C GLY B 51 28.84 1.62 0.54
N GLU B 52 27.75 1.00 1.00
CA GLU B 52 27.70 -0.46 1.16
C GLU B 52 28.00 -1.22 -0.13
N LEU B 53 27.37 -0.81 -1.22
CA LEU B 53 27.59 -1.46 -2.53
C LEU B 53 29.02 -1.27 -3.03
N GLU B 54 29.57 -0.07 -2.81
CA GLU B 54 30.94 0.26 -3.25
C GLU B 54 31.97 -0.64 -2.58
N VAL B 55 31.81 -0.86 -1.27
CA VAL B 55 32.70 -1.74 -0.51
C VAL B 55 32.57 -3.19 -0.99
N ILE B 56 31.33 -3.63 -1.23
CA ILE B 56 31.07 -4.98 -1.74
C ILE B 56 31.72 -5.20 -3.11
N LEU B 57 31.50 -4.26 -4.02
CA LEU B 57 32.07 -4.35 -5.37
C LEU B 57 33.59 -4.25 -5.37
N SER B 58 34.12 -3.33 -4.57
CA SER B 58 35.58 -3.16 -4.45
C SER B 58 36.28 -4.41 -3.92
N SER B 59 35.65 -5.08 -2.95
CA SER B 59 36.18 -6.33 -2.41
C SER B 59 36.28 -7.41 -3.48
N ARG B 60 35.27 -7.46 -4.35
CA ARG B 60 35.21 -8.46 -5.42
C ARG B 60 36.06 -8.08 -6.63
N PHE B 61 36.08 -6.77 -6.94
CA PHE B 61 36.83 -6.24 -8.08
C PHE B 61 37.74 -5.10 -7.59
N PRO B 62 38.95 -5.44 -7.09
CA PRO B 62 39.82 -4.44 -6.46
C PRO B 62 40.37 -3.32 -7.37
N SER B 63 40.35 -3.52 -8.68
CA SER B 63 40.83 -2.50 -9.63
C SER B 63 39.72 -1.73 -10.35
N LEU B 64 38.46 -1.94 -9.94
CA LEU B 64 37.35 -1.11 -10.42
C LEU B 64 37.62 0.36 -10.15
N ASN B 65 37.31 1.21 -11.12
CA ASN B 65 37.32 2.66 -10.92
C ASN B 65 35.91 3.09 -10.53
N LEU B 66 35.67 3.09 -9.21
CA LEU B 66 34.33 3.31 -8.65
C LEU B 66 34.14 4.74 -8.15
N VAL B 67 33.06 5.37 -8.59
CA VAL B 67 32.65 6.67 -8.07
C VAL B 67 31.20 6.59 -7.58
N GLY B 68 31.00 6.94 -6.33
CA GLY B 68 29.66 7.01 -5.73
C GLY B 68 29.23 8.45 -5.59
N VAL B 69 27.99 8.74 -6.00
CA VAL B 69 27.46 10.09 -5.97
C VAL B 69 26.17 10.12 -5.14
N ASP B 70 26.05 11.08 -4.25
CA ASP B 70 24.84 11.25 -3.43
C ASP B 70 24.52 12.71 -3.14
N LEU B 71 23.22 13.00 -3.06
CA LEU B 71 22.73 14.35 -2.82
C LEU B 71 22.89 14.74 -1.35
N SER B 72 22.91 13.74 -0.47
CA SER B 72 23.06 13.97 0.97
C SER B 72 24.53 14.11 1.36
N GLU B 73 24.90 15.27 1.91
CA GLU B 73 26.26 15.49 2.39
C GLU B 73 26.58 14.58 3.57
N ASP B 74 25.55 14.24 4.36
CA ASP B 74 25.70 13.27 5.44
C ASP B 74 26.09 11.88 4.93
N MET B 75 25.41 11.42 3.87
CA MET B 75 25.74 10.12 3.26
C MET B 75 27.15 10.10 2.68
N VAL B 76 27.56 11.21 2.06
CA VAL B 76 28.91 11.33 1.50
C VAL B 76 29.94 11.21 2.62
N ARG B 77 29.70 11.92 3.73
CA ARG B 77 30.58 11.85 4.90
C ARG B 77 30.66 10.43 5.43
N ILE B 78 29.50 9.81 5.64
CA ILE B 78 29.42 8.45 6.17
C ILE B 78 30.09 7.44 5.25
N ALA B 79 29.84 7.57 3.95
CA ALA B 79 30.41 6.67 2.94
C ALA B 79 31.94 6.69 2.93
N ARG B 80 32.52 7.88 3.02
CA ARG B 80 33.98 8.04 3.08
C ARG B 80 34.57 7.39 4.34
N GLU B 81 33.94 7.67 5.48
CA GLU B 81 34.34 7.06 6.76
C GLU B 81 34.27 5.53 6.69
N TYR B 82 33.17 5.01 6.14
CA TYR B 82 32.95 3.57 6.06
C TYR B 82 33.96 2.90 5.12
N ALA B 83 34.19 3.53 3.97
CA ALA B 83 35.20 3.04 3.01
C ALA B 83 36.58 2.96 3.67
N ALA B 84 36.95 4.01 4.38
CA ALA B 84 38.22 4.04 5.11
C ALA B 84 38.30 2.93 6.15
N GLU B 85 37.24 2.79 6.95
CA GLU B 85 37.13 1.73 7.96
C GLU B 85 37.30 0.33 7.36
N GLN B 86 36.77 0.14 6.15
CA GLN B 86 36.83 -1.14 5.45
C GLN B 86 38.10 -1.32 4.62
N GLY B 87 38.98 -0.31 4.63
CA GLY B 87 40.28 -0.39 3.96
C GLY B 87 40.21 -0.27 2.45
N LYS B 88 39.19 0.43 1.95
CA LYS B 88 38.98 0.60 0.51
C LYS B 88 39.22 2.04 0.08
N ALA B 89 40.09 2.22 -0.91
CA ALA B 89 40.37 3.54 -1.49
C ALA B 89 39.33 3.87 -2.56
N LEU B 90 38.20 4.42 -2.11
CA LEU B 90 37.07 4.71 -2.99
C LEU B 90 36.80 6.20 -3.07
N GLU B 91 36.17 6.64 -4.16
CA GLU B 91 35.80 8.05 -4.34
C GLU B 91 34.30 8.25 -4.19
N PHE B 92 33.93 9.25 -3.40
CA PHE B 92 32.55 9.66 -3.23
C PHE B 92 32.41 11.16 -3.49
N ARG B 93 31.30 11.53 -4.13
CA ARG B 93 31.06 12.91 -4.52
C ARG B 93 29.68 13.35 -4.08
N HIS B 94 29.58 14.62 -3.70
CA HIS B 94 28.30 15.26 -3.49
C HIS B 94 27.75 15.65 -4.86
N GLY B 95 26.55 15.18 -5.18
CA GLY B 95 25.96 15.47 -6.48
C GLY B 95 24.51 15.05 -6.60
N ASP B 96 23.92 15.41 -7.74
CA ASP B 96 22.51 15.19 -8.03
C ASP B 96 22.39 14.31 -9.27
N ALA B 97 21.71 13.17 -9.12
CA ALA B 97 21.54 12.21 -10.22
C ALA B 97 20.79 12.80 -11.41
N GLN B 98 20.02 13.85 -11.15
CA GLN B 98 19.19 14.50 -12.18
C GLN B 98 19.95 15.56 -12.98
N LEU B 99 21.23 15.77 -12.68
CA LEU B 99 22.08 16.72 -13.40
C LEU B 99 23.48 16.16 -13.62
N LEU B 100 24.12 16.55 -14.71
CA LEU B 100 25.49 16.14 -15.00
C LEU B 100 26.55 16.92 -14.20
N ALA B 101 26.12 18.04 -13.60
CA ALA B 101 27.01 18.92 -12.81
C ALA B 101 27.85 18.15 -11.77
N GLY B 102 29.16 18.42 -11.77
CA GLY B 102 30.10 17.73 -10.89
C GLY B 102 30.53 16.36 -11.35
N MET B 103 30.00 15.90 -12.49
CA MET B 103 30.37 14.61 -13.08
C MET B 103 30.81 14.77 -14.53
N GLU B 104 31.17 15.98 -14.93
CA GLU B 104 31.54 16.28 -16.32
C GLU B 104 32.78 15.52 -16.80
N ASP B 105 33.69 15.25 -15.88
CA ASP B 105 34.90 14.46 -16.18
C ASP B 105 34.60 12.99 -16.49
N LEU B 106 33.40 12.53 -16.11
CA LEU B 106 32.96 11.15 -16.31
C LEU B 106 32.02 10.98 -17.51
N ALA B 107 31.60 12.09 -18.13
CA ALA B 107 30.66 12.02 -19.24
C ALA B 107 31.20 11.16 -20.36
N GLY B 108 30.42 10.17 -20.77
CA GLY B 108 30.80 9.25 -21.85
C GLY B 108 31.96 8.32 -21.55
N LYS B 109 32.22 8.06 -20.26
CA LYS B 109 33.36 7.24 -19.86
C LYS B 109 33.03 6.03 -18.97
N ALA B 110 31.77 5.90 -18.55
CA ALA B 110 31.39 4.82 -17.65
C ALA B 110 31.06 3.54 -18.42
N ASP B 111 31.68 2.43 -18.02
CA ASP B 111 31.32 1.11 -18.53
C ASP B 111 29.94 0.72 -18.02
N LEU B 112 29.69 1.01 -16.75
CA LEU B 112 28.39 0.79 -16.12
C LEU B 112 27.98 2.00 -15.29
N VAL B 113 26.73 2.42 -15.43
CA VAL B 113 26.14 3.42 -14.54
C VAL B 113 24.98 2.76 -13.82
N VAL B 114 25.03 2.76 -12.49
CA VAL B 114 24.07 2.00 -11.70
C VAL B 114 23.39 2.85 -10.64
N SER B 115 22.23 2.39 -10.18
CA SER B 115 21.55 2.97 -9.03
C SER B 115 20.61 1.94 -8.40
N ARG B 116 20.66 1.86 -7.07
CA ARG B 116 19.91 0.87 -6.31
C ARG B 116 19.05 1.53 -5.24
N ASN B 117 17.76 1.18 -5.22
CA ASN B 117 16.83 1.63 -4.18
C ASN B 117 16.91 3.14 -3.91
N ALA B 118 16.91 3.92 -4.99
CA ALA B 118 16.96 5.39 -4.88
C ALA B 118 16.09 6.15 -5.87
N PHE B 119 15.98 5.66 -7.11
CA PHE B 119 15.29 6.40 -8.19
C PHE B 119 13.81 6.66 -7.88
N HIS B 120 13.20 5.82 -7.04
CA HIS B 120 11.83 6.05 -6.57
C HIS B 120 11.66 7.36 -5.79
N ARG B 121 12.75 7.89 -5.24
CA ARG B 121 12.72 9.12 -4.45
C ARG B 121 12.76 10.41 -5.29
N LEU B 122 13.13 10.29 -6.55
CA LEU B 122 13.46 11.45 -7.39
C LEU B 122 12.24 12.24 -7.88
N THR B 123 12.47 13.51 -8.17
CA THR B 123 11.45 14.42 -8.68
C THR B 123 11.34 14.33 -10.20
N ARG B 124 12.49 14.20 -10.88
CA ARG B 124 12.55 14.15 -12.33
C ARG B 124 13.25 12.87 -12.81
N LEU B 125 12.45 11.81 -12.93
CA LEU B 125 12.95 10.49 -13.30
C LEU B 125 13.59 10.46 -14.70
N PRO B 126 12.99 11.16 -15.69
CA PRO B 126 13.63 11.23 -17.01
C PRO B 126 15.00 11.90 -17.02
N ALA B 127 15.18 12.93 -16.19
CA ALA B 127 16.47 13.60 -16.06
C ALA B 127 17.55 12.68 -15.50
N ALA B 128 17.16 11.80 -14.58
CA ALA B 128 18.08 10.83 -13.99
C ALA B 128 18.57 9.81 -15.01
N PHE B 129 17.65 9.30 -15.84
CA PHE B 129 18.01 8.37 -16.91
C PHE B 129 18.84 9.05 -18.00
N ASP B 130 18.55 10.33 -18.24
CA ASP B 130 19.36 11.14 -19.17
C ASP B 130 20.80 11.24 -18.67
N THR B 131 20.98 11.50 -17.38
CA THR B 131 22.31 11.55 -16.78
C THR B 131 23.00 10.19 -16.88
N MET B 132 22.27 9.12 -16.60
CA MET B 132 22.79 7.74 -16.73
C MET B 132 23.38 7.49 -18.12
N LEU B 133 22.57 7.74 -19.15
CA LEU B 133 22.99 7.45 -20.53
C LEU B 133 24.13 8.33 -21.01
N ARG B 134 24.20 9.55 -20.50
CA ARG B 134 25.27 10.49 -20.86
C ARG B 134 26.59 10.14 -20.16
N LEU B 135 26.51 9.56 -18.96
CA LEU B 135 27.71 9.07 -18.27
C LEU B 135 28.27 7.81 -18.92
N ALA B 136 27.38 6.97 -19.45
CA ALA B 136 27.78 5.75 -20.13
C ALA B 136 28.58 6.05 -21.38
N LYS B 137 29.70 5.33 -21.56
CA LYS B 137 30.43 5.37 -22.81
C LYS B 137 29.59 4.67 -23.88
N PRO B 138 29.88 4.92 -25.17
CA PRO B 138 29.23 4.13 -26.21
C PRO B 138 29.46 2.64 -25.99
N GLY B 139 28.38 1.87 -26.00
CA GLY B 139 28.44 0.44 -25.68
C GLY B 139 28.30 0.11 -24.20
N GLY B 140 28.40 1.13 -23.34
CA GLY B 140 28.27 0.95 -21.90
C GLY B 140 26.81 0.73 -21.51
N ALA B 141 26.61 0.14 -20.34
CA ALA B 141 25.25 -0.17 -19.87
C ALA B 141 24.83 0.68 -18.69
N VAL B 142 23.51 0.85 -18.53
CA VAL B 142 22.95 1.52 -17.36
C VAL B 142 21.92 0.59 -16.72
N LEU B 143 21.90 0.56 -15.40
CA LEU B 143 20.98 -0.31 -14.67
C LEU B 143 20.44 0.37 -13.42
N ASN B 144 19.13 0.57 -13.39
CA ASN B 144 18.43 0.96 -12.18
C ASN B 144 17.65 -0.21 -11.61
N CYS B 145 17.64 -0.33 -10.28
CA CYS B 145 16.72 -1.20 -9.57
C CYS B 145 16.18 -0.43 -8.38
N SER B 146 14.86 -0.24 -8.34
CA SER B 146 14.25 0.57 -7.28
C SER B 146 12.79 0.18 -7.01
N PHE B 147 12.16 0.88 -6.09
CA PHE B 147 10.84 0.51 -5.60
C PHE B 147 9.73 0.88 -6.57
N ILE B 148 8.67 0.08 -6.53
CA ILE B 148 7.45 0.36 -7.29
C ILE B 148 6.34 0.70 -6.30
N HIS B 149 5.38 1.49 -6.78
CA HIS B 149 4.22 1.81 -5.98
C HIS B 149 3.44 0.51 -5.74
N PRO B 150 2.93 0.31 -4.50
CA PRO B 150 2.22 -0.94 -4.18
C PRO B 150 1.04 -1.31 -5.08
N SER B 151 0.42 -0.31 -5.71
N SER B 151 0.42 -0.31 -5.71
CA SER B 151 -0.62 -0.53 -6.74
CA SER B 151 -0.63 -0.53 -6.72
C SER B 151 -0.18 -1.48 -7.85
C SER B 151 -0.19 -1.45 -7.87
N ASP B 152 1.12 -1.49 -8.15
CA ASP B 152 1.68 -2.38 -9.17
C ASP B 152 1.96 -3.81 -8.68
N PHE B 153 1.82 -4.08 -7.39
CA PHE B 153 1.93 -5.43 -6.87
C PHE B 153 0.71 -6.26 -7.25
N ASP B 154 0.93 -7.55 -7.50
CA ASP B 154 -0.15 -8.53 -7.47
C ASP B 154 -0.22 -9.05 -6.02
N GLU B 155 -1.06 -10.05 -5.76
CA GLU B 155 -1.24 -10.52 -4.38
C GLU B 155 0.04 -11.03 -3.74
N SER B 156 0.81 -11.82 -4.49
N SER B 156 0.81 -11.83 -4.48
CA SER B 156 2.08 -12.36 -4.01
CA SER B 156 2.09 -12.36 -4.00
C SER B 156 3.08 -11.24 -3.68
C SER B 156 3.08 -11.24 -3.68
N GLY B 157 3.11 -10.23 -4.52
CA GLY B 157 3.96 -9.05 -4.30
C GLY B 157 3.57 -8.29 -3.05
N PHE B 158 2.26 -8.13 -2.85
CA PHE B 158 1.74 -7.43 -1.69
C PHE B 158 1.99 -8.21 -0.39
N ARG B 159 1.86 -9.53 -0.44
CA ARG B 159 2.15 -10.40 0.71
C ARG B 159 3.62 -10.30 1.09
N ALA B 160 4.49 -10.33 0.08
CA ALA B 160 5.93 -10.16 0.28
C ALA B 160 6.24 -8.81 0.93
N TRP B 161 5.52 -7.77 0.51
CA TRP B 161 5.69 -6.42 1.03
C TRP B 161 5.34 -6.34 2.52
N VAL B 162 4.20 -6.92 2.90
CA VAL B 162 3.78 -7.02 4.29
C VAL B 162 4.80 -7.82 5.12
N THR B 163 5.26 -8.95 4.58
CA THR B 163 6.28 -9.79 5.23
C THR B 163 7.57 -9.00 5.49
N PHE B 164 8.01 -8.24 4.50
CA PHE B 164 9.19 -7.37 4.63
C PHE B 164 8.99 -6.34 5.76
N LEU B 165 7.80 -5.73 5.80
CA LEU B 165 7.46 -4.77 6.86
C LEU B 165 7.48 -5.38 8.25
N ASN B 166 7.10 -6.64 8.33
CA ASN B 166 7.05 -7.39 9.59
C ASN B 166 8.41 -7.83 10.14
N GLN B 167 9.47 -7.67 9.34
CA GLN B 167 10.81 -8.02 9.79
C GLN B 167 11.16 -7.24 11.04
N ARG B 168 11.89 -7.89 11.95
CA ARG B 168 12.36 -7.22 13.13
C ARG B 168 13.91 -7.28 13.25
N PRO B 169 14.45 -6.73 14.34
CA PRO B 169 14.23 -5.29 14.41
C PRO B 169 14.59 -4.39 13.23
N TRP B 170 13.95 -3.23 13.24
CA TRP B 170 14.29 -2.11 12.38
C TRP B 170 15.01 -1.08 13.23
N ASP B 171 15.96 -0.37 12.65
CA ASP B 171 16.69 0.67 13.37
C ASP B 171 15.92 1.99 13.32
N SER B 172 15.65 2.56 14.49
CA SER B 172 15.05 3.90 14.62
C SER B 172 13.75 4.04 13.80
N GLU B 173 13.71 4.99 12.87
CA GLU B 173 12.54 5.25 12.03
C GLU B 173 12.64 4.63 10.63
N MET B 174 13.50 3.61 10.48
CA MET B 174 13.77 3.07 9.15
C MET B 174 12.59 2.33 8.51
N GLN B 175 11.68 1.78 9.33
CA GLN B 175 10.52 1.08 8.77
C GLN B 175 9.63 2.03 7.99
N ILE B 176 9.30 3.17 8.60
CA ILE B 176 8.42 4.14 7.94
C ILE B 176 9.13 4.86 6.78
N VAL B 177 10.44 5.01 6.87
CA VAL B 177 11.23 5.54 5.75
C VAL B 177 11.11 4.61 4.54
N TRP B 178 11.33 3.31 4.77
CA TRP B 178 11.19 2.28 3.73
C TRP B 178 9.77 2.22 3.17
N ALA B 179 8.78 2.28 4.07
CA ALA B 179 7.37 2.19 3.68
C ALA B 179 6.91 3.42 2.90
N LEU B 180 7.28 4.60 3.36
CA LEU B 180 6.92 5.85 2.68
C LEU B 180 7.58 6.01 1.31
N ALA B 181 8.77 5.41 1.16
CA ALA B 181 9.45 5.36 -0.12
C ALA B 181 8.59 4.63 -1.17
N HIS B 182 7.83 3.64 -0.72
CA HIS B 182 6.86 2.94 -1.58
C HIS B 182 5.61 3.79 -1.82
N HIS B 183 5.11 4.43 -0.76
CA HIS B 183 3.97 5.36 -0.88
C HIS B 183 4.22 6.42 -1.94
N TYR B 184 5.45 6.92 -2.00
CA TYR B 184 5.84 7.97 -2.94
C TYR B 184 6.49 7.47 -4.23
N ALA B 185 6.54 6.15 -4.43
CA ALA B 185 7.25 5.56 -5.57
C ALA B 185 6.47 5.70 -6.88
N PRO B 186 7.20 5.73 -8.02
CA PRO B 186 6.51 5.76 -9.32
C PRO B 186 5.87 4.44 -9.69
N ARG B 187 4.96 4.49 -10.66
CA ARG B 187 4.36 3.32 -11.26
C ARG B 187 5.30 2.74 -12.30
N LEU B 188 5.02 1.51 -12.74
CA LEU B 188 5.84 0.84 -13.77
C LEU B 188 5.89 1.66 -15.07
N ASP B 189 4.74 2.22 -15.46
CA ASP B 189 4.64 3.06 -16.66
C ASP B 189 5.51 4.32 -16.58
N ASP B 190 5.66 4.86 -15.37
CA ASP B 190 6.50 6.05 -15.16
C ASP B 190 7.96 5.74 -15.45
N TYR B 191 8.43 4.62 -14.93
CA TYR B 191 9.80 4.15 -15.17
C TYR B 191 10.06 3.91 -16.66
N ARG B 192 9.12 3.23 -17.31
CA ARG B 192 9.25 2.86 -18.73
C ARG B 192 9.31 4.10 -19.63
N GLU B 193 8.44 5.06 -19.38
CA GLU B 193 8.38 6.30 -20.15
C GLU B 193 9.60 7.20 -19.91
N ALA B 194 10.06 7.23 -18.67
CA ALA B 194 11.23 8.03 -18.29
C ALA B 194 12.49 7.56 -19.02
N LEU B 195 12.70 6.25 -19.04
CA LEU B 195 13.85 5.66 -19.74
C LEU B 195 13.72 5.85 -21.26
N ALA B 196 12.52 5.65 -21.78
CA ALA B 196 12.23 5.87 -23.19
C ALA B 196 12.54 7.30 -23.62
N GLN B 197 12.10 8.25 -22.82
CA GLN B 197 12.37 9.67 -23.06
C GLN B 197 13.88 9.90 -23.17
N ALA B 198 14.63 9.41 -22.19
CA ALA B 198 16.08 9.51 -22.17
C ALA B 198 16.74 8.86 -23.39
N ALA B 199 16.22 7.70 -23.79
CA ALA B 199 16.77 6.95 -24.92
C ALA B 199 16.57 7.65 -26.26
N ARG B 200 15.54 8.48 -26.36
CA ARG B 200 15.30 9.30 -27.55
C ARG B 200 16.35 10.40 -27.74
N GLU B 201 16.94 10.87 -26.64
CA GLU B 201 18.01 11.88 -26.69
C GLU B 201 19.39 11.23 -26.84
N THR B 202 19.59 10.11 -26.15
CA THR B 202 20.83 9.34 -26.24
C THR B 202 20.51 7.93 -26.73
N PRO B 203 20.66 7.68 -28.05
CA PRO B 203 20.31 6.40 -28.65
C PRO B 203 20.86 5.18 -27.92
N VAL B 204 20.04 4.12 -27.87
CA VAL B 204 20.41 2.86 -27.21
C VAL B 204 20.23 1.69 -28.15
N SER B 205 21.09 0.68 -27.99
CA SER B 205 20.98 -0.56 -28.76
C SER B 205 19.94 -1.49 -28.14
N GLU B 206 19.66 -1.29 -26.86
CA GLU B 206 18.76 -2.15 -26.10
C GLU B 206 18.12 -1.37 -24.97
N GLN B 207 16.93 -1.79 -24.57
CA GLN B 207 16.12 -1.08 -23.60
C GLN B 207 15.01 -1.97 -23.07
N ARG B 208 14.98 -2.17 -21.75
CA ARG B 208 13.95 -3.01 -21.13
C ARG B 208 13.69 -2.61 -19.69
N VAL B 209 12.41 -2.69 -19.30
CA VAL B 209 11.97 -2.42 -17.94
C VAL B 209 11.07 -3.58 -17.50
N TRP B 210 11.28 -4.07 -16.29
CA TRP B 210 10.48 -5.17 -15.75
C TRP B 210 10.44 -5.18 -14.23
N ILE B 211 9.49 -5.94 -13.69
CA ILE B 211 9.35 -6.13 -12.25
C ILE B 211 9.48 -7.61 -11.91
N ASP B 212 10.34 -7.91 -10.94
CA ASP B 212 10.38 -9.23 -10.32
C ASP B 212 11.09 -9.15 -8.96
N ASP B 213 11.18 -10.29 -8.28
CA ASP B 213 11.94 -10.39 -7.04
C ASP B 213 12.82 -11.63 -7.10
N GLN B 214 14.12 -11.40 -7.30
CA GLN B 214 15.12 -12.49 -7.32
C GLN B 214 16.01 -12.48 -6.09
N GLY B 215 15.54 -11.91 -4.98
CA GLY B 215 16.31 -11.98 -3.73
C GLY B 215 16.08 -10.91 -2.69
N TYR B 216 15.83 -9.68 -3.12
CA TYR B 216 15.69 -8.56 -2.17
C TYR B 216 14.60 -8.83 -1.12
N GLY B 217 13.51 -9.46 -1.53
CA GLY B 217 12.41 -9.80 -0.62
C GLY B 217 11.06 -9.21 -0.99
N VAL B 218 11.09 -8.17 -1.81
N VAL B 218 11.10 -8.17 -1.83
CA VAL B 218 9.87 -7.58 -2.36
CA VAL B 218 9.91 -7.52 -2.36
C VAL B 218 10.12 -7.27 -3.83
C VAL B 218 10.14 -7.30 -3.86
N PRO B 219 9.07 -7.37 -4.68
CA PRO B 219 9.25 -7.00 -6.09
C PRO B 219 9.72 -5.56 -6.28
N THR B 220 10.69 -5.39 -7.18
CA THR B 220 11.24 -4.07 -7.50
C THR B 220 11.32 -3.95 -9.01
N VAL B 221 11.29 -2.71 -9.50
CA VAL B 221 11.45 -2.47 -10.93
C VAL B 221 12.93 -2.54 -11.30
N LYS B 222 13.19 -3.10 -12.47
CA LYS B 222 14.52 -3.07 -13.07
C LYS B 222 14.41 -2.30 -14.38
N CYS B 223 15.37 -1.43 -14.63
CA CYS B 223 15.44 -0.64 -15.85
C CYS B 223 16.84 -0.78 -16.42
N PHE B 224 16.93 -1.41 -17.58
CA PHE B 224 18.22 -1.68 -18.23
C PHE B 224 18.27 -1.09 -19.63
N ALA B 225 19.44 -0.59 -20.00
CA ALA B 225 19.69 -0.13 -21.37
C ALA B 225 21.18 -0.16 -21.66
N ARG B 226 21.52 -0.36 -22.93
CA ARG B 226 22.90 -0.25 -23.39
C ARG B 226 22.99 0.88 -24.39
N ARG B 227 23.89 1.83 -24.14
CA ARG B 227 24.09 2.95 -25.04
C ARG B 227 24.62 2.44 -26.38
N ALA B 228 24.13 3.03 -27.45
CA ALA B 228 24.51 2.63 -28.81
C ALA B 228 26.03 2.65 -29.00
N ALA B 229 26.55 1.67 -29.74
CA ALA B 229 27.98 1.57 -29.98
C ALA B 229 28.48 2.74 -30.81
N ALA B 230 29.77 3.07 -30.64
CA ALA B 230 30.39 4.18 -31.36
C ALA B 230 30.56 3.87 -32.84
N SAH C . -19.51 -5.74 9.39
CA SAH C . -18.74 -6.62 10.34
CB SAH C . -17.88 -7.66 9.60
CG SAH C . -16.82 -7.09 8.66
SD SAH C . -15.87 -8.41 7.96
C SAH C . -17.89 -5.78 11.25
O SAH C . -17.73 -4.58 11.06
OXT SAH C . -17.33 -6.30 12.22
C5' SAH C . -16.53 -8.51 6.33
C4' SAH C . -17.81 -9.34 6.29
O4' SAH C . -18.50 -9.11 5.06
C3' SAH C . -17.56 -10.84 6.37
O3' SAH C . -18.34 -11.43 7.41
C2' SAH C . -17.99 -11.38 5.01
O2' SAH C . -18.50 -12.71 5.08
C1' SAH C . -19.04 -10.36 4.62
N9 SAH C . -19.37 -10.31 3.17
C8 SAH C . -18.50 -10.27 2.16
N7 SAH C . -19.16 -10.22 0.98
C5 SAH C . -20.48 -10.21 1.25
C6 SAH C . -21.73 -10.18 0.46
N6 SAH C . -21.69 -10.13 -0.89
N1 SAH C . -22.91 -10.19 1.14
C2 SAH C . -22.95 -10.24 2.48
N3 SAH C . -21.85 -10.29 3.26
C4 SAH C . -20.62 -10.27 2.70
C1 GOL D . -9.85 -6.31 11.78
O1 GOL D . -9.17 -6.41 13.03
C2 GOL D . -10.98 -5.29 11.90
O2 GOL D . -10.45 -4.04 12.33
C3 GOL D . -11.72 -5.13 10.57
O3 GOL D . -13.09 -4.77 10.78
C ACT E . -12.07 -7.00 6.46
O ACT E . -12.21 -7.20 5.23
OXT ACT E . -12.98 -6.53 7.17
CH3 ACT E . -10.75 -7.33 7.10
N SAH F . 22.02 3.14 -3.22
CA SAH F . 22.14 2.98 -1.74
CB SAH F . 21.30 4.02 -0.97
CG SAH F . 19.78 3.91 -1.12
SD SAH F . 18.97 5.08 -0.07
C SAH F . 21.80 1.56 -1.36
O SAH F . 21.34 0.77 -2.18
OXT SAH F . 21.99 1.15 -0.21
C5' SAH F . 18.52 6.37 -1.19
C4' SAH F . 19.69 7.33 -1.43
O4' SAH F . 19.41 8.15 -2.58
C3' SAH F . 19.95 8.28 -0.29
O3' SAH F . 21.32 8.20 0.10
C2' SAH F . 19.62 9.67 -0.84
O2' SAH F . 20.41 10.70 -0.25
C1' SAH F . 19.93 9.46 -2.31
N9 SAH F . 19.34 10.44 -3.24
C8 SAH F . 18.06 10.88 -3.26
N7 SAH F . 17.88 11.78 -4.25
C5 SAH F . 19.05 11.91 -4.91
C6 SAH F . 19.54 12.69 -6.05
N6 SAH F . 18.70 13.52 -6.72
N1 SAH F . 20.84 12.54 -6.42
C2 SAH F . 21.67 11.71 -5.76
N3 SAH F . 21.29 10.97 -4.70
C4 SAH F . 20.01 11.03 -4.24
#